data_7NX5
#
_entry.id   7NX5
#
_cell.length_a   207.990
_cell.length_b   26.560
_cell.length_c   80.850
_cell.angle_alpha   90.000
_cell.angle_beta   103.104
_cell.angle_gamma   90.000
#
_symmetry.space_group_name_H-M   'C 1 2 1'
#
loop_
_entity.id
_entity.type
_entity.pdbx_description
1 polymer 'Trans-activator protein BZLF1'
2 polymer 'meZRE2 DNA (bottom strand)'
3 polymer 'meZRE2 DNA (top strand)'
4 water water
#
loop_
_entity_poly.entity_id
_entity_poly.type
_entity_poly.pdbx_seq_one_letter_code
_entity_poly.pdbx_strand_id
1 'polypeptide(L)' MLEIKRYKNRVASRKSRAKFKQLLQHYREVAAAKSSENDRLRLLLKQMCPSLDVDSIIPRTPD A,B,E,F
2 'polydeoxyribonucleotide' (DT)(DA)(DC)(DT)(DT)(DC)(DA)(DT)(5CM)(DG)(DC)(DT)(DC)(DA)(DG)(DT)(DG)(DC)(DT) C,G
3 'polydeoxyribonucleotide' (DA)(DA)(DG)(DC)(DA)(DC)(DT)(DG)(DA)(DG)(5CM)(DG)(DA)(DT)(DG)(DA)(DA)(DG)(DT) D,H
#
# COMPACT_ATOMS: atom_id res chain seq x y z
N MET A 1 4.74 -7.70 -38.47
CA MET A 1 3.34 -7.93 -38.13
C MET A 1 2.59 -6.61 -38.25
N LEU A 2 2.05 -6.12 -37.14
CA LEU A 2 1.57 -4.75 -37.04
C LEU A 2 2.43 -3.96 -36.06
N GLU A 3 3.76 -4.08 -36.21
CA GLU A 3 4.70 -3.50 -35.28
C GLU A 3 4.40 -2.03 -35.01
N ILE A 4 4.01 -1.30 -36.06
CA ILE A 4 3.84 0.14 -35.93
C ILE A 4 2.50 0.49 -35.29
N LYS A 5 1.45 -0.25 -35.64
CA LYS A 5 0.18 -0.08 -34.94
C LYS A 5 0.37 -0.30 -33.45
N ARG A 6 1.25 -1.24 -33.10
CA ARG A 6 1.41 -1.62 -31.71
C ARG A 6 2.23 -0.59 -30.95
N TYR A 7 3.33 -0.11 -31.56
CA TYR A 7 4.08 0.98 -30.92
C TYR A 7 3.21 2.20 -30.69
N LYS A 8 2.43 2.60 -31.69
CA LYS A 8 1.53 3.73 -31.53
C LYS A 8 0.54 3.49 -30.40
N ASN A 9 -0.10 2.32 -30.38
CA ASN A 9 -1.10 2.09 -29.36
C ASN A 9 -0.49 2.05 -27.97
N ARG A 10 0.75 1.56 -27.86
CA ARG A 10 1.42 1.45 -26.57
C ARG A 10 1.81 2.82 -26.03
N VAL A 11 2.34 3.67 -26.92
CA VAL A 11 2.53 5.08 -26.63
C VAL A 11 1.24 5.74 -26.15
N ALA A 12 0.11 5.41 -26.78
CA ALA A 12 -1.14 6.09 -26.42
C ALA A 12 -1.61 5.67 -25.04
N SER A 13 -1.54 4.37 -24.74
CA SER A 13 -1.95 3.93 -23.43
C SER A 13 -1.07 4.53 -22.35
N ARG A 14 0.26 4.58 -22.58
CA ARG A 14 1.13 5.18 -21.60
C ARG A 14 0.80 6.67 -21.43
N LYS A 15 0.44 7.34 -22.52
CA LYS A 15 0.06 8.74 -22.43
C LYS A 15 -1.16 8.93 -21.53
N SER A 16 -2.23 8.18 -21.80
CA SER A 16 -3.52 8.47 -21.16
C SER A 16 -3.53 8.03 -19.70
N ARG A 17 -2.83 6.94 -19.40
CA ARG A 17 -2.74 6.53 -18.00
C ARG A 17 -1.93 7.53 -17.22
N ALA A 18 -0.81 8.01 -17.79
CA ALA A 18 -0.05 9.09 -17.17
C ALA A 18 -0.92 10.35 -17.01
N LYS A 19 -1.80 10.62 -17.98
CA LYS A 19 -2.67 11.79 -17.92
C LYS A 19 -3.55 11.75 -16.67
N PHE A 20 -4.28 10.66 -16.47
CA PHE A 20 -5.15 10.56 -15.30
C PHE A 20 -4.34 10.64 -14.00
N LYS A 21 -3.21 9.92 -13.93
CA LYS A 21 -2.43 9.90 -12.69
C LYS A 21 -1.92 11.30 -12.33
N GLN A 22 -1.39 12.04 -13.30
CA GLN A 22 -0.90 13.37 -12.96
C GLN A 22 -2.05 14.31 -12.63
N LEU A 23 -3.23 14.08 -13.23
CA LEU A 23 -4.36 14.93 -12.91
C LEU A 23 -4.78 14.72 -11.44
N LEU A 24 -4.81 13.45 -11.01
CA LEU A 24 -5.06 13.15 -9.61
C LEU A 24 -4.07 13.87 -8.70
N GLN A 25 -2.77 13.71 -8.97
CA GLN A 25 -1.77 14.43 -8.18
C GLN A 25 -2.04 15.93 -8.17
N HIS A 26 -2.35 16.48 -9.34
CA HIS A 26 -2.62 17.90 -9.49
C HIS A 26 -3.71 18.36 -8.52
N TYR A 27 -4.84 17.65 -8.53
CA TYR A 27 -5.93 17.98 -7.60
C TYR A 27 -5.45 17.94 -6.17
N ARG A 28 -4.70 16.89 -5.82
CA ARG A 28 -4.19 16.79 -4.46
C ARG A 28 -3.35 18.01 -4.09
N GLU A 29 -2.62 18.55 -5.07
CA GLU A 29 -1.84 19.75 -4.79
C GLU A 29 -2.76 20.99 -4.66
N VAL A 30 -3.78 21.08 -5.50
CA VAL A 30 -4.71 22.21 -5.43
C VAL A 30 -5.45 22.23 -4.09
N ALA A 31 -5.96 21.07 -3.69
CA ALA A 31 -6.53 20.88 -2.36
C ALA A 31 -5.56 21.36 -1.28
N ALA A 32 -4.29 20.94 -1.39
CA ALA A 32 -3.32 21.33 -0.37
C ALA A 32 -3.19 22.82 -0.28
N ALA A 33 -2.85 23.45 -1.41
CA ALA A 33 -2.66 24.89 -1.46
C ALA A 33 -3.88 25.59 -0.91
N LYS A 34 -5.05 25.11 -1.29
CA LYS A 34 -6.29 25.77 -0.94
C LYS A 34 -6.53 25.69 0.57
N SER A 35 -6.53 24.48 1.12
CA SER A 35 -6.77 24.33 2.56
C SER A 35 -5.82 25.19 3.38
N SER A 36 -4.56 25.34 2.93
CA SER A 36 -3.63 26.18 3.68
C SER A 36 -4.02 27.66 3.59
N GLU A 37 -4.19 28.17 2.36
CA GLU A 37 -4.72 29.52 2.21
C GLU A 37 -5.99 29.71 3.04
N ASN A 38 -6.82 28.67 3.11
CA ASN A 38 -8.13 28.78 3.74
C ASN A 38 -7.98 29.05 5.22
N ASP A 39 -7.14 28.26 5.90
CA ASP A 39 -6.88 28.49 7.32
C ASP A 39 -6.29 29.88 7.56
N ARG A 40 -5.34 30.30 6.71
CA ARG A 40 -4.79 31.66 6.89
C ARG A 40 -5.89 32.71 6.80
N LEU A 41 -6.69 32.64 5.74
CA LEU A 41 -7.78 33.59 5.54
C LEU A 41 -8.75 33.58 6.72
N ARG A 42 -9.21 32.39 7.10
CA ARG A 42 -10.23 32.27 8.13
C ARG A 42 -9.74 32.84 9.45
N LEU A 43 -8.48 32.58 9.79
CA LEU A 43 -7.97 33.07 11.07
C LEU A 43 -7.76 34.56 11.02
N LEU A 44 -7.34 35.07 9.87
CA LEU A 44 -7.16 36.52 9.75
C LEU A 44 -8.50 37.24 9.89
N LEU A 45 -9.57 36.66 9.33
CA LEU A 45 -10.88 37.29 9.40
C LEU A 45 -11.46 37.18 10.80
N LYS A 46 -11.33 36.01 11.43
CA LYS A 46 -11.69 35.89 12.85
C LYS A 46 -10.95 36.91 13.70
N GLN A 47 -9.68 37.14 13.39
CA GLN A 47 -8.91 38.16 14.10
C GLN A 47 -9.52 39.54 13.89
N MET A 48 -9.82 39.89 12.63
CA MET A 48 -10.14 41.26 12.27
C MET A 48 -11.56 41.64 12.64
N CYS A 49 -12.51 40.77 12.33
CA CYS A 49 -13.91 40.97 12.62
C CYS A 49 -14.37 39.94 13.64
N PRO A 50 -13.89 40.03 14.89
CA PRO A 50 -14.14 38.94 15.85
C PRO A 50 -15.57 38.89 16.35
N SER A 51 -16.43 39.73 15.77
CA SER A 51 -17.86 39.64 16.07
C SER A 51 -18.60 39.08 14.87
N LEU A 52 -18.08 38.00 14.29
CA LEU A 52 -18.73 37.34 13.16
C LEU A 52 -18.62 35.83 13.33
N ASP A 53 -19.71 35.12 13.03
CA ASP A 53 -19.74 33.66 13.03
C ASP A 53 -19.11 33.16 11.72
N VAL A 54 -17.80 33.31 11.62
CA VAL A 54 -17.09 32.99 10.38
C VAL A 54 -17.27 31.52 10.03
N ASP A 55 -16.94 30.64 10.97
CA ASP A 55 -17.01 29.20 10.74
C ASP A 55 -18.46 28.74 10.61
N SER A 56 -19.41 29.67 10.65
CA SER A 56 -20.80 29.40 10.31
C SER A 56 -21.22 30.05 9.00
N ILE A 57 -20.80 31.29 8.75
CA ILE A 57 -21.13 31.92 7.47
C ILE A 57 -20.39 31.21 6.34
N ILE A 58 -19.18 30.74 6.59
CA ILE A 58 -18.48 29.92 5.60
C ILE A 58 -18.03 28.64 6.28
N PRO A 59 -18.91 27.66 6.46
CA PRO A 59 -18.50 26.42 7.11
C PRO A 59 -17.33 25.79 6.37
N ARG A 60 -16.48 25.11 7.13
CA ARG A 60 -15.31 24.46 6.57
C ARG A 60 -15.73 23.35 5.61
N THR A 61 -14.98 23.21 4.52
CA THR A 61 -15.17 22.12 3.61
C THR A 61 -14.28 20.94 4.02
N PRO A 62 -14.72 19.70 3.78
CA PRO A 62 -13.95 18.56 4.27
C PRO A 62 -12.63 18.34 3.50
N GLU B 3 -7.62 -20.71 -15.32
CA GLU B 3 -9.01 -21.14 -15.37
C GLU B 3 -9.85 -20.37 -14.36
N ILE B 4 -9.30 -20.20 -13.17
CA ILE B 4 -9.95 -19.46 -12.09
C ILE B 4 -9.17 -18.21 -11.75
N LYS B 5 -7.83 -18.32 -11.67
CA LYS B 5 -7.00 -17.15 -11.45
C LYS B 5 -7.36 -16.09 -12.46
N ARG B 6 -7.81 -16.53 -13.64
CA ARG B 6 -8.19 -15.62 -14.71
C ARG B 6 -9.42 -14.80 -14.32
N TYR B 7 -10.51 -15.44 -13.95
CA TYR B 7 -11.69 -14.68 -13.55
C TYR B 7 -11.43 -13.79 -12.35
N LYS B 8 -10.77 -14.32 -11.31
CA LYS B 8 -10.60 -13.52 -10.10
C LYS B 8 -9.69 -12.34 -10.37
N ASN B 9 -8.79 -12.51 -11.32
CA ASN B 9 -7.93 -11.40 -11.68
C ASN B 9 -8.70 -10.37 -12.49
N ARG B 10 -9.61 -10.83 -13.34
CA ARG B 10 -10.44 -9.88 -14.07
C ARG B 10 -11.22 -9.00 -13.09
N VAL B 11 -11.76 -9.62 -12.03
CA VAL B 11 -12.53 -8.88 -11.02
C VAL B 11 -11.63 -7.84 -10.32
N ALA B 12 -10.44 -8.25 -9.90
CA ALA B 12 -9.59 -7.29 -9.21
C ALA B 12 -9.16 -6.15 -10.13
N SER B 13 -9.04 -6.41 -11.43
CA SER B 13 -8.65 -5.33 -12.34
C SER B 13 -9.77 -4.32 -12.52
N ARG B 14 -11.01 -4.82 -12.66
CA ARG B 14 -12.21 -3.96 -12.54
C ARG B 14 -12.16 -3.08 -11.28
N LYS B 15 -11.91 -3.69 -10.13
CA LYS B 15 -11.90 -2.97 -8.86
C LYS B 15 -10.84 -1.88 -8.85
N SER B 16 -9.68 -2.13 -9.48
CA SER B 16 -8.61 -1.14 -9.47
C SER B 16 -8.98 0.09 -10.29
N ARG B 17 -9.38 -0.14 -11.55
CA ARG B 17 -9.88 0.98 -12.38
C ARG B 17 -10.95 1.79 -11.65
N ALA B 18 -11.87 1.13 -10.94
CA ALA B 18 -12.94 1.86 -10.23
C ALA B 18 -12.39 2.68 -9.07
N LYS B 19 -11.70 2.03 -8.12
CA LYS B 19 -11.11 2.71 -6.97
C LYS B 19 -10.40 3.99 -7.36
N PHE B 20 -9.59 3.92 -8.42
CA PHE B 20 -8.82 5.09 -8.85
C PHE B 20 -9.71 6.14 -9.49
N LYS B 21 -10.74 5.73 -10.23
CA LYS B 21 -11.68 6.73 -10.73
C LYS B 21 -12.42 7.40 -9.58
N GLN B 22 -12.77 6.63 -8.56
CA GLN B 22 -13.38 7.19 -7.37
C GLN B 22 -12.47 8.23 -6.73
N LEU B 23 -11.18 7.91 -6.63
CA LEU B 23 -10.22 8.83 -6.03
C LEU B 23 -10.08 10.10 -6.87
N LEU B 24 -9.93 9.93 -8.17
CA LEU B 24 -9.91 11.09 -9.04
C LEU B 24 -11.15 11.96 -8.82
N GLN B 25 -12.31 11.34 -8.59
CA GLN B 25 -13.53 12.14 -8.41
C GLN B 25 -13.53 12.86 -7.06
N HIS B 26 -13.26 12.10 -6.00
CA HIS B 26 -13.19 12.64 -4.65
C HIS B 26 -12.29 13.86 -4.58
N TYR B 27 -11.07 13.74 -5.12
CA TYR B 27 -10.15 14.87 -5.08
C TYR B 27 -10.56 15.97 -6.05
N ARG B 28 -11.17 15.60 -7.18
CA ARG B 28 -11.74 16.59 -8.07
C ARG B 28 -12.74 17.46 -7.34
N GLU B 29 -13.43 16.89 -6.36
CA GLU B 29 -14.50 17.59 -5.67
C GLU B 29 -13.93 18.48 -4.58
N VAL B 30 -13.19 17.88 -3.64
CA VAL B 30 -12.44 18.62 -2.63
C VAL B 30 -11.71 19.83 -3.21
N ALA B 31 -11.16 19.69 -4.42
CA ALA B 31 -10.48 20.83 -5.01
C ALA B 31 -11.46 21.98 -5.26
N ALA B 32 -12.63 21.68 -5.81
CA ALA B 32 -13.59 22.74 -6.10
C ALA B 32 -14.16 23.34 -4.82
N ALA B 33 -14.50 22.48 -3.85
CA ALA B 33 -15.05 22.94 -2.58
C ALA B 33 -14.10 23.91 -1.88
N LYS B 34 -12.82 23.53 -1.75
CA LYS B 34 -11.88 24.43 -1.09
C LYS B 34 -11.62 25.67 -1.92
N SER B 35 -11.68 25.59 -3.25
CA SER B 35 -11.41 26.79 -4.05
C SER B 35 -12.56 27.80 -3.96
N SER B 36 -13.80 27.33 -3.99
CA SER B 36 -14.93 28.24 -3.77
C SER B 36 -14.87 28.87 -2.37
N GLU B 37 -14.63 28.04 -1.34
CA GLU B 37 -14.47 28.57 0.02
C GLU B 37 -13.40 29.66 0.06
N ASN B 38 -12.28 29.44 -0.67
CA ASN B 38 -11.20 30.43 -0.77
C ASN B 38 -11.68 31.73 -1.38
N ASP B 39 -12.50 31.62 -2.43
CA ASP B 39 -13.08 32.80 -3.08
C ASP B 39 -14.02 33.55 -2.15
N ARG B 40 -14.84 32.83 -1.39
CA ARG B 40 -15.79 33.55 -0.54
C ARG B 40 -15.10 34.16 0.66
N LEU B 41 -14.01 33.55 1.11
CA LEU B 41 -13.28 34.14 2.21
C LEU B 41 -12.56 35.39 1.75
N ARG B 42 -11.89 35.34 0.60
CA ARG B 42 -11.31 36.57 0.11
C ARG B 42 -12.40 37.63 -0.09
N LEU B 43 -13.53 37.27 -0.69
CA LEU B 43 -14.67 38.18 -0.86
C LEU B 43 -15.09 38.83 0.46
N LEU B 44 -15.45 38.01 1.45
CA LEU B 44 -15.99 38.53 2.69
C LEU B 44 -14.96 39.35 3.46
N LEU B 45 -13.68 38.94 3.42
CA LEU B 45 -12.60 39.79 3.96
C LEU B 45 -12.47 41.11 3.22
N LYS B 46 -12.71 41.12 1.93
CA LYS B 46 -12.67 42.35 1.16
C LYS B 46 -13.89 43.21 1.42
N GLN B 47 -14.95 42.64 2.00
CA GLN B 47 -16.11 43.45 2.33
C GLN B 47 -16.16 43.83 3.79
N MET B 48 -15.50 43.07 4.65
CA MET B 48 -15.42 43.37 6.06
C MET B 48 -14.17 44.13 6.45
N CYS B 49 -13.05 43.90 5.75
CA CYS B 49 -11.81 44.64 5.94
C CYS B 49 -11.37 45.25 4.61
N PRO B 50 -12.27 45.96 3.92
CA PRO B 50 -11.97 46.42 2.55
C PRO B 50 -10.66 47.18 2.41
N SER B 51 -10.32 47.95 3.43
CA SER B 51 -9.15 48.81 3.41
C SER B 51 -7.86 48.06 3.61
N LEU B 52 -7.75 46.84 3.08
CA LEU B 52 -6.69 45.92 3.49
C LEU B 52 -6.31 45.04 2.31
N ASP B 53 -5.02 44.72 2.20
CA ASP B 53 -4.49 43.97 1.07
C ASP B 53 -4.30 42.51 1.46
N VAL B 54 -5.12 41.65 0.87
CA VAL B 54 -5.10 40.22 1.15
C VAL B 54 -4.20 39.48 0.17
N ASP B 55 -3.87 40.09 -0.96
CA ASP B 55 -3.03 39.44 -1.96
C ASP B 55 -1.54 39.54 -1.64
N SER B 56 -1.16 40.28 -0.60
CA SER B 56 0.22 40.29 -0.14
C SER B 56 0.39 39.69 1.24
N ILE B 57 -0.70 39.48 1.97
CA ILE B 57 -0.60 38.69 3.20
C ILE B 57 -0.74 37.23 2.87
N ILE B 58 -1.60 36.91 1.91
CA ILE B 58 -2.04 35.55 1.65
C ILE B 58 -2.17 35.40 0.14
N PRO B 59 -1.07 35.41 -0.62
CA PRO B 59 -1.19 35.37 -2.08
C PRO B 59 -2.09 34.23 -2.56
N ARG B 60 -2.74 34.47 -3.70
CA ARG B 60 -3.51 33.40 -4.32
C ARG B 60 -2.55 32.41 -4.98
N THR B 61 -2.90 31.14 -4.91
CA THR B 61 -2.22 30.14 -5.69
C THR B 61 -3.03 29.88 -6.93
N PRO B 62 -2.50 30.13 -8.13
CA PRO B 62 -3.31 29.96 -9.34
C PRO B 62 -4.09 28.64 -9.35
N ASP B 63 -5.33 28.73 -9.83
CA ASP B 63 -6.43 27.74 -9.88
C ASP B 63 -7.48 28.17 -8.86
N GLU E 3 9.60 -59.32 -3.68
CA GLU E 3 8.22 -59.33 -4.16
C GLU E 3 7.31 -58.51 -3.24
N ILE E 4 6.79 -59.14 -2.18
CA ILE E 4 6.09 -58.39 -1.13
C ILE E 4 7.03 -57.34 -0.54
N LYS E 5 8.34 -57.58 -0.55
CA LYS E 5 9.28 -56.55 -0.16
C LYS E 5 9.21 -55.37 -1.13
N ARG E 6 9.01 -55.66 -2.40
CA ARG E 6 8.83 -54.60 -3.40
C ARG E 6 7.51 -53.86 -3.18
N TYR E 7 6.44 -54.58 -2.81
CA TYR E 7 5.18 -53.88 -2.51
C TYR E 7 5.33 -52.99 -1.28
N LYS E 8 5.92 -53.53 -0.20
CA LYS E 8 6.14 -52.75 1.01
C LYS E 8 7.03 -51.54 0.73
N ASN E 9 7.90 -51.64 -0.27
CA ASN E 9 8.68 -50.45 -0.62
C ASN E 9 7.90 -49.49 -1.52
N ARG E 10 6.97 -49.98 -2.35
CA ARG E 10 6.04 -49.05 -3.01
C ARG E 10 5.27 -48.23 -1.97
N VAL E 11 4.68 -48.94 -1.01
CA VAL E 11 4.01 -48.35 0.15
C VAL E 11 4.92 -47.31 0.82
N ALA E 12 6.20 -47.67 1.02
CA ALA E 12 7.12 -46.80 1.74
C ALA E 12 7.45 -45.53 0.96
N SER E 13 7.64 -45.66 -0.36
CA SER E 13 7.93 -44.49 -1.18
C SER E 13 6.74 -43.55 -1.21
N ARG E 14 5.51 -44.11 -1.20
CA ARG E 14 4.30 -43.30 -1.04
C ARG E 14 4.32 -42.56 0.29
N LYS E 15 4.68 -43.27 1.36
CA LYS E 15 4.66 -42.68 2.70
C LYS E 15 5.64 -41.52 2.80
N SER E 16 6.81 -41.66 2.17
CA SER E 16 7.85 -40.64 2.24
C SER E 16 7.51 -39.44 1.37
N ARG E 17 7.03 -39.68 0.15
CA ARG E 17 6.68 -38.54 -0.70
C ARG E 17 5.55 -37.73 -0.07
N ALA E 18 4.60 -38.42 0.56
CA ALA E 18 3.59 -37.74 1.35
C ALA E 18 4.22 -36.90 2.47
N LYS E 19 5.05 -37.55 3.30
CA LYS E 19 5.69 -36.88 4.42
C LYS E 19 6.37 -35.58 3.99
N PHE E 20 7.06 -35.61 2.86
CA PHE E 20 7.86 -34.45 2.52
C PHE E 20 7.01 -33.32 1.94
N LYS E 21 6.07 -33.61 1.03
CA LYS E 21 5.19 -32.54 0.60
C LYS E 21 4.37 -31.98 1.78
N GLN E 22 4.13 -32.79 2.81
CA GLN E 22 3.47 -32.28 4.00
C GLN E 22 4.32 -31.24 4.70
N LEU E 23 5.59 -31.59 5.02
CA LEU E 23 6.48 -30.63 5.67
C LEU E 23 6.66 -29.39 4.80
N LEU E 24 6.64 -29.60 3.49
CA LEU E 24 6.67 -28.52 2.53
C LEU E 24 5.57 -27.52 2.82
N GLN E 25 4.33 -28.00 2.81
CA GLN E 25 3.19 -27.10 2.97
C GLN E 25 3.17 -26.48 4.36
N HIS E 26 3.54 -27.26 5.37
CA HIS E 26 3.58 -26.78 6.74
C HIS E 26 4.45 -25.53 6.87
N TYR E 27 5.68 -25.59 6.36
CA TYR E 27 6.55 -24.42 6.49
C TYR E 27 6.14 -23.30 5.52
N ARG E 28 5.65 -23.65 4.32
CA ARG E 28 5.03 -22.63 3.48
C ARG E 28 4.04 -21.81 4.29
N GLU E 29 3.12 -22.49 4.98
CA GLU E 29 2.09 -21.82 5.77
C GLU E 29 2.71 -20.96 6.86
N VAL E 30 3.58 -21.55 7.69
CA VAL E 30 4.09 -20.85 8.86
C VAL E 30 4.78 -19.55 8.44
N ALA E 31 5.53 -19.60 7.33
CA ALA E 31 6.21 -18.40 6.89
C ALA E 31 5.24 -17.40 6.26
N ALA E 32 4.19 -17.91 5.60
CA ALA E 32 3.11 -17.01 5.16
C ALA E 32 2.62 -16.18 6.33
N ALA E 33 2.33 -16.89 7.43
CA ALA E 33 1.72 -16.25 8.60
C ALA E 33 2.62 -15.18 9.17
N LYS E 34 3.89 -15.53 9.43
CA LYS E 34 4.81 -14.55 9.99
C LYS E 34 4.96 -13.36 9.07
N SER E 35 4.99 -13.60 7.75
CA SER E 35 5.06 -12.49 6.80
C SER E 35 3.94 -11.48 7.04
N SER E 36 2.71 -11.98 7.14
CA SER E 36 1.56 -11.08 7.25
C SER E 36 1.53 -10.34 8.60
N GLU E 37 1.73 -11.09 9.70
CA GLU E 37 1.86 -10.42 10.99
C GLU E 37 2.88 -9.28 10.99
N ASN E 38 4.02 -9.52 10.34
CA ASN E 38 5.02 -8.49 10.14
C ASN E 38 4.43 -7.26 9.49
N ASP E 39 3.78 -7.46 8.35
CA ASP E 39 3.18 -6.33 7.66
C ASP E 39 2.32 -5.50 8.60
N ARG E 40 1.39 -6.17 9.29
CA ARG E 40 0.46 -5.42 10.16
C ARG E 40 1.18 -4.68 11.27
N LEU E 41 2.24 -5.28 11.84
CA LEU E 41 2.96 -4.60 12.92
C LEU E 41 3.69 -3.36 12.41
N ARG E 42 4.49 -3.52 11.35
CA ARG E 42 5.16 -2.36 10.74
C ARG E 42 4.16 -1.23 10.48
N LEU E 43 2.95 -1.59 10.01
CA LEU E 43 1.95 -0.60 9.66
C LEU E 43 1.40 0.11 10.90
N LEU E 44 0.89 -0.64 11.87
CA LEU E 44 0.37 0.00 13.08
C LEU E 44 1.43 0.88 13.74
N LEU E 45 2.64 0.33 13.91
CA LEU E 45 3.71 1.12 14.50
C LEU E 45 3.91 2.43 13.73
N LYS E 46 3.96 2.35 12.38
CA LYS E 46 4.13 3.56 11.58
C LYS E 46 3.00 4.55 11.84
N GLN E 47 1.80 4.05 12.09
CA GLN E 47 0.71 4.96 12.45
C GLN E 47 0.97 5.65 13.80
N MET E 48 1.45 4.91 14.80
CA MET E 48 1.43 5.41 16.19
C MET E 48 2.47 6.51 16.42
N CYS E 49 3.70 6.29 15.98
CA CYS E 49 4.76 7.28 16.11
C CYS E 49 5.20 7.61 14.70
N PRO E 50 4.57 8.60 14.07
CA PRO E 50 4.96 8.94 12.70
C PRO E 50 6.31 9.62 12.64
N SER E 51 6.71 10.27 13.72
CA SER E 51 7.96 10.99 13.90
C SER E 51 9.13 10.10 13.97
N LEU E 52 9.10 8.79 13.76
CA LEU E 52 10.25 7.95 14.06
C LEU E 52 10.56 7.06 12.87
N ASP E 53 11.75 7.22 12.32
CA ASP E 53 12.21 6.39 11.19
C ASP E 53 12.57 5.02 11.74
N VAL E 54 11.58 4.14 11.73
CA VAL E 54 11.68 2.80 12.28
C VAL E 54 12.54 1.90 11.40
N ASP E 55 12.63 2.21 10.11
CA ASP E 55 13.31 1.32 9.17
C ASP E 55 14.78 1.09 9.50
N SER E 56 15.43 2.06 10.13
CA SER E 56 16.80 1.85 10.55
C SER E 56 16.87 1.17 11.90
N ILE E 57 15.94 1.49 12.80
CA ILE E 57 15.89 0.79 14.09
C ILE E 57 15.57 -0.68 13.86
N ILE E 58 14.45 -0.94 13.20
CA ILE E 58 14.05 -2.28 12.79
C ILE E 58 14.10 -2.31 11.25
N PRO E 59 15.02 -3.06 10.65
CA PRO E 59 15.15 -3.05 9.19
C PRO E 59 14.18 -4.00 8.51
N ARG E 60 13.54 -3.50 7.45
CA ARG E 60 12.54 -4.25 6.69
C ARG E 60 13.24 -5.05 5.60
N THR E 61 13.05 -6.37 5.62
CA THR E 61 13.57 -7.20 4.54
C THR E 61 12.85 -6.85 3.24
N PRO E 62 13.57 -6.57 2.14
CA PRO E 62 12.89 -6.24 0.88
C PRO E 62 12.03 -7.38 0.34
N ASP E 63 10.72 -7.26 0.50
CA ASP E 63 9.78 -8.25 -0.02
C ASP E 63 8.71 -7.61 -0.90
N MET F 1 22.51 -44.91 -26.67
CA MET F 1 21.15 -45.40 -26.60
C MET F 1 20.15 -44.26 -26.86
N LEU F 2 19.25 -44.07 -25.90
CA LEU F 2 18.51 -42.81 -25.78
C LEU F 2 19.28 -41.79 -24.95
N GLU F 3 20.61 -41.82 -25.03
CA GLU F 3 21.46 -41.20 -24.03
C GLU F 3 21.13 -39.73 -23.80
N ILE F 4 20.82 -39.01 -24.87
CA ILE F 4 20.63 -37.57 -24.72
C ILE F 4 19.29 -37.26 -24.05
N LYS F 5 18.23 -38.03 -24.39
CA LYS F 5 16.95 -37.87 -23.70
C LYS F 5 17.00 -38.38 -22.27
N ARG F 6 17.77 -39.44 -22.00
CA ARG F 6 17.96 -39.89 -20.64
C ARG F 6 18.68 -38.84 -19.79
N TYR F 7 19.78 -38.27 -20.32
CA TYR F 7 20.45 -37.16 -19.64
C TYR F 7 19.49 -36.00 -19.41
N LYS F 8 18.77 -35.57 -20.45
CA LYS F 8 17.85 -34.45 -20.37
C LYS F 8 16.82 -34.65 -19.25
N ASN F 9 16.24 -35.86 -19.18
CA ASN F 9 15.21 -36.14 -18.18
C ASN F 9 15.80 -36.32 -16.76
N ARG F 10 16.99 -36.93 -16.65
CA ARG F 10 17.66 -37.02 -15.35
C ARG F 10 17.99 -35.62 -14.81
N VAL F 11 18.50 -34.74 -15.67
CA VAL F 11 18.75 -33.36 -15.29
C VAL F 11 17.47 -32.69 -14.84
N ALA F 12 16.37 -32.91 -15.56
CA ALA F 12 15.11 -32.27 -15.19
C ALA F 12 14.58 -32.76 -13.84
N SER F 13 14.71 -34.06 -13.55
CA SER F 13 14.30 -34.59 -12.25
C SER F 13 15.16 -34.00 -11.12
N ARG F 14 16.48 -33.99 -11.32
CA ARG F 14 17.37 -33.34 -10.36
C ARG F 14 17.00 -31.88 -10.17
N LYS F 15 16.57 -31.21 -11.24
CA LYS F 15 16.25 -29.80 -11.16
C LYS F 15 14.99 -29.54 -10.32
N SER F 16 13.90 -30.25 -10.65
CA SER F 16 12.67 -30.07 -9.87
C SER F 16 12.88 -30.43 -8.41
N ARG F 17 13.60 -31.52 -8.14
CA ARG F 17 13.78 -31.96 -6.77
C ARG F 17 14.62 -30.97 -5.96
N ALA F 18 15.73 -30.48 -6.54
CA ALA F 18 16.47 -29.42 -5.86
C ALA F 18 15.58 -28.21 -5.62
N LYS F 19 14.73 -27.87 -6.59
CA LYS F 19 13.85 -26.72 -6.42
C LYS F 19 13.00 -26.86 -5.16
N PHE F 20 12.32 -28.00 -5.00
CA PHE F 20 11.39 -28.16 -3.87
C PHE F 20 12.10 -28.28 -2.53
N LYS F 21 13.29 -28.89 -2.51
CA LYS F 21 14.04 -28.96 -1.25
C LYS F 21 14.58 -27.58 -0.86
N GLN F 22 15.22 -26.88 -1.80
CA GLN F 22 15.69 -25.53 -1.51
C GLN F 22 14.52 -24.60 -1.19
N LEU F 23 13.32 -24.90 -1.71
CA LEU F 23 12.15 -24.07 -1.43
C LEU F 23 11.63 -24.29 -0.02
N LEU F 24 11.63 -25.54 0.44
CA LEU F 24 11.28 -25.82 1.83
C LEU F 24 12.25 -25.12 2.78
N GLN F 25 13.56 -25.20 2.49
CA GLN F 25 14.52 -24.50 3.35
C GLN F 25 14.31 -22.99 3.30
N HIS F 26 14.03 -22.45 2.12
CA HIS F 26 13.68 -21.04 1.96
C HIS F 26 12.54 -20.64 2.89
N TYR F 27 11.48 -21.45 2.91
CA TYR F 27 10.33 -21.11 3.73
C TYR F 27 10.68 -21.18 5.21
N ARG F 28 11.43 -22.21 5.61
CA ARG F 28 11.91 -22.28 6.99
C ARG F 28 12.71 -21.05 7.37
N GLU F 29 13.48 -20.49 6.43
CA GLU F 29 14.35 -19.34 6.74
C GLU F 29 13.57 -18.03 6.85
N VAL F 30 12.64 -17.78 5.92
CA VAL F 30 11.87 -16.55 6.02
C VAL F 30 11.00 -16.60 7.28
N ALA F 31 10.60 -17.80 7.70
CA ALA F 31 9.93 -17.95 8.98
C ALA F 31 10.68 -17.22 10.09
N ALA F 32 11.96 -17.56 10.25
CA ALA F 32 12.76 -17.00 11.33
C ALA F 32 12.99 -15.50 11.14
N ALA F 33 13.29 -15.09 9.89
CA ALA F 33 13.54 -13.69 9.63
C ALA F 33 12.37 -12.84 10.12
N LYS F 34 11.16 -13.24 9.70
CA LYS F 34 9.98 -12.46 10.04
C LYS F 34 9.64 -12.55 11.52
N SER F 35 9.82 -13.73 12.14
CA SER F 35 9.64 -13.85 13.59
C SER F 35 10.44 -12.80 14.35
N SER F 36 11.73 -12.71 14.07
CA SER F 36 12.56 -11.78 14.82
C SER F 36 12.17 -10.33 14.53
N GLU F 37 11.94 -10.01 13.25
CA GLU F 37 11.46 -8.67 12.94
C GLU F 37 10.28 -8.31 13.82
N ASN F 38 9.31 -9.22 13.92
CA ASN F 38 8.03 -8.92 14.56
C ASN F 38 8.16 -8.76 16.07
N ASP F 39 8.98 -9.60 16.72
CA ASP F 39 9.22 -9.40 18.15
C ASP F 39 9.87 -8.04 18.42
N ARG F 40 10.87 -7.67 17.61
CA ARG F 40 11.44 -6.32 17.76
C ARG F 40 10.38 -5.24 17.59
N LEU F 41 9.46 -5.45 16.66
CA LEU F 41 8.42 -4.46 16.42
C LEU F 41 7.53 -4.28 17.65
N ARG F 42 6.92 -5.39 18.13
CA ARG F 42 6.08 -5.35 19.32
C ARG F 42 6.77 -4.68 20.49
N LEU F 43 8.05 -5.00 20.71
CA LEU F 43 8.75 -4.38 21.82
C LEU F 43 8.79 -2.87 21.65
N LEU F 44 9.24 -2.39 20.48
CA LEU F 44 9.33 -0.95 20.30
C LEU F 44 8.00 -0.28 20.56
N LEU F 45 6.94 -0.85 19.99
CA LEU F 45 5.62 -0.30 20.10
C LEU F 45 5.16 -0.25 21.57
N LYS F 46 5.16 -1.39 22.26
CA LYS F 46 4.77 -1.41 23.66
C LYS F 46 5.56 -0.41 24.48
N GLN F 47 6.82 -0.16 24.12
CA GLN F 47 7.59 0.90 24.75
C GLN F 47 6.98 2.27 24.44
N MET F 48 6.64 2.52 23.17
CA MET F 48 6.18 3.85 22.79
C MET F 48 4.74 4.11 23.22
N CYS F 49 3.91 3.07 23.33
CA CYS F 49 2.51 3.21 23.73
C CYS F 49 2.23 2.28 24.90
N PRO F 50 2.71 2.61 26.10
CA PRO F 50 2.68 1.64 27.21
C PRO F 50 1.27 1.22 27.62
N SER F 51 0.24 1.87 27.10
CA SER F 51 -1.13 1.59 27.51
C SER F 51 -1.97 0.99 26.38
N LEU F 52 -1.34 0.51 25.31
CA LEU F 52 -2.05 -0.09 24.19
C LEU F 52 -1.90 -1.62 24.23
N ASP F 53 -3.00 -2.31 23.93
CA ASP F 53 -3.07 -3.77 23.95
C ASP F 53 -2.65 -4.34 22.59
N VAL F 54 -1.35 -4.23 22.32
CA VAL F 54 -0.78 -4.66 21.05
C VAL F 54 -1.01 -6.15 20.83
N ASP F 55 -0.68 -6.97 21.84
CA ASP F 55 -0.85 -8.41 21.74
C ASP F 55 -2.30 -8.82 21.51
N SER F 56 -3.25 -7.90 21.63
CA SER F 56 -4.63 -8.19 21.30
C SER F 56 -5.06 -7.54 20.00
N ILE F 57 -4.58 -6.33 19.72
CA ILE F 57 -4.86 -5.73 18.42
C ILE F 57 -4.18 -6.53 17.32
N ILE F 58 -2.96 -6.97 17.56
CA ILE F 58 -2.25 -7.86 16.66
C ILE F 58 -1.88 -9.09 17.46
N PRO F 59 -2.67 -10.16 17.39
CA PRO F 59 -2.25 -11.41 18.03
C PRO F 59 -1.03 -12.03 17.35
N ARG F 60 -0.25 -12.74 18.15
CA ARG F 60 0.97 -13.37 17.65
C ARG F 60 0.61 -14.58 16.78
N THR F 61 0.78 -14.43 15.48
CA THR F 61 0.71 -15.58 14.59
C THR F 61 1.69 -16.64 15.04
N PRO F 62 1.32 -17.93 14.99
CA PRO F 62 2.13 -18.96 15.64
C PRO F 62 3.15 -19.57 14.69
#